data_4MNV
#
_entry.id   4MNV
#
_cell.length_a   52.310
_cell.length_b   54.060
_cell.length_c   79.670
_cell.angle_alpha   90.00
_cell.angle_beta   90.00
_cell.angle_gamma   90.00
#
_symmetry.space_group_name_H-M   'P 21 21 21'
#
loop_
_entity.id
_entity.type
_entity.pdbx_description
1 polymer 'Urokinase-type plasminogen activator chain B'
2 polymer 'acyl-enzyme intermediate of bicyclic peptide UK729'
3 polymer 'acyl-enzyme intermediate of bicyclic peptide UK729'
4 non-polymer 'SULFATE ION'
5 non-polymer 'ACETATE ION'
6 non-polymer 1,3,5-tris(bromomethyl)benzene
7 non-polymer GLYCEROL
8 water water
#
loop_
_entity_poly.entity_id
_entity_poly.type
_entity_poly.pdbx_seq_one_letter_code
_entity_poly.pdbx_strand_id
1 'polypeptide(L)'
;IIGGEFTTIENQPWFAAIYRRHRGGSVTYVCGGSLISPCWVISATHCFIDYPKKEDYIVYLGRSRLNSNTQGEMKFEVEN
LILHKDYSADTLAHHNDIALLKIRSKEGRCAQPSRTIQTIALPSMYNDPQFGTSCEITGFGKEQSTDYLYPEQLKMTVVK
LISHRECQQPHYYGSEVTTKMLCAADPQWKTDSCQGDSGGPLVCSLQGRMTLTGIVSWGRGCALKDKPGVYTRVSHFLPW
IRSHT
;
A
2 'polypeptide(L)' TCRQSMCTAR B
3 'polypeptide(L)' TCP(NH2) C
#
# COMPACT_ATOMS: atom_id res chain seq x y z
N ILE A 1 9.80 -4.94 0.61
CA ILE A 1 10.11 -5.04 -0.84
C ILE A 1 11.24 -6.03 -0.99
N ILE A 2 11.01 -7.07 -1.80
CA ILE A 2 12.06 -8.03 -2.16
C ILE A 2 12.79 -7.45 -3.36
N GLY A 3 14.12 -7.49 -3.33
CA GLY A 3 14.93 -6.90 -4.40
C GLY A 3 14.77 -5.39 -4.42
N GLY A 4 14.86 -4.81 -5.60
CA GLY A 4 14.75 -3.36 -5.77
C GLY A 4 15.94 -2.60 -5.20
N GLU A 5 15.68 -1.39 -4.72
CA GLU A 5 16.72 -0.47 -4.30
C GLU A 5 16.28 0.30 -3.06
N PHE A 6 17.24 0.71 -2.25
CA PHE A 6 16.94 1.68 -1.21
C PHE A 6 16.64 3.02 -1.84
N THR A 7 15.81 3.81 -1.17
CA THR A 7 15.39 5.07 -1.70
C THR A 7 15.24 6.07 -0.58
N THR A 8 14.83 7.28 -0.90
CA THR A 8 14.56 8.27 0.13
C THR A 8 13.23 8.92 -0.17
N ILE A 9 12.68 9.59 0.84
CA ILE A 9 11.35 10.13 0.74
C ILE A 9 11.20 11.20 -0.35
N GLU A 10 12.30 11.89 -0.69
CA GLU A 10 12.31 12.87 -1.79
C GLU A 10 11.93 12.26 -3.12
N ASN A 11 12.25 10.98 -3.30
CA ASN A 11 11.91 10.29 -4.53
C ASN A 11 10.48 9.75 -4.51
N GLN A 12 9.89 9.65 -3.32
CA GLN A 12 8.55 9.08 -3.08
C GLN A 12 7.74 10.00 -2.16
N PRO A 13 7.62 11.31 -2.47
CA PRO A 13 7.16 12.24 -1.41
C PRO A 13 5.70 12.09 -0.93
N TRP A 14 4.93 11.24 -1.61
CA TRP A 14 3.55 10.94 -1.24
C TRP A 14 3.44 9.77 -0.24
N PHE A 15 4.56 9.14 0.09
CA PHE A 15 4.52 7.96 0.94
C PHE A 15 4.30 8.32 2.41
N ALA A 16 3.29 7.66 2.99
CA ALA A 16 2.92 7.83 4.38
C ALA A 16 3.27 6.55 5.17
N ALA A 17 3.94 6.73 6.29
CA ALA A 17 4.33 5.59 7.13
C ALA A 17 3.36 5.56 8.33
N ILE A 18 2.67 4.43 8.49
CA ILE A 18 1.62 4.31 9.48
C ILE A 18 2.00 3.33 10.60
N TYR A 19 1.99 3.85 11.82
CA TYR A 19 2.36 3.10 13.01
C TYR A 19 1.20 2.96 13.99
N ARG A 20 1.28 1.95 14.86
CA ARG A 20 0.28 1.79 15.93
C ARG A 20 0.95 1.93 17.31
N ARG A 21 0.32 2.70 18.17
CA ARG A 21 0.75 2.85 19.57
C ARG A 21 0.23 1.70 20.42
N HIS A 22 1.07 1.27 21.35
CA HIS A 22 0.68 0.24 22.32
C HIS A 22 0.67 0.81 23.73
N ARG A 23 -0.14 0.19 24.59
CA ARG A 23 -0.34 0.63 25.98
C ARG A 23 0.93 1.15 26.67
N GLY A 24 1.99 0.35 26.64
CA GLY A 24 3.24 0.69 27.34
C GLY A 24 4.09 1.80 26.73
N GLY A 25 3.60 2.42 25.66
CA GLY A 25 4.32 3.51 24.99
C GLY A 25 5.14 3.08 23.77
N SER A 26 5.20 1.79 23.51
CA SER A 26 5.90 1.29 22.33
C SER A 26 5.06 1.51 21.06
N VAL A 27 5.76 1.75 19.96
CA VAL A 27 5.16 2.02 18.65
C VAL A 27 5.70 1.00 17.66
N THR A 28 4.82 0.35 16.90
CA THR A 28 5.22 -0.61 15.89
C THR A 28 4.70 -0.17 14.51
N TYR A 29 5.47 -0.42 13.45
CA TYR A 29 5.04 -0.09 12.08
C TYR A 29 3.89 -1.00 11.66
N VAL A 30 2.88 -0.43 11.01
CA VAL A 30 1.70 -1.20 10.60
C VAL A 30 1.66 -1.43 9.10
N CYS A 31 1.66 -0.32 8.37
CA CYS A 31 1.41 -0.35 6.94
C CYS A 31 1.84 0.95 6.31
N GLY A 32 1.91 0.93 4.99
CA GLY A 32 2.15 2.13 4.22
C GLY A 32 0.84 2.77 3.80
N GLY A 33 0.96 3.93 3.19
CA GLY A 33 -0.14 4.70 2.64
C GLY A 33 0.38 5.72 1.66
N SER A 34 -0.54 6.49 1.08
CA SER A 34 -0.19 7.51 0.11
C SER A 34 -1.01 8.77 0.38
N LEU A 35 -0.35 9.92 0.33
CA LEU A 35 -1.04 11.20 0.52
C LEU A 35 -1.74 11.60 -0.79
N ILE A 36 -3.07 11.64 -0.77
CA ILE A 36 -3.84 12.01 -1.97
C ILE A 36 -4.46 13.41 -1.92
N SER A 37 -4.45 14.01 -0.73
CA SER A 37 -4.71 15.44 -0.57
C SER A 37 -4.06 15.81 0.76
N PRO A 38 -3.96 17.12 1.05
CA PRO A 38 -3.28 17.50 2.29
C PRO A 38 -3.84 16.85 3.57
N CYS A 39 -5.15 16.60 3.63
CA CYS A 39 -5.75 15.99 4.83
C CYS A 39 -6.03 14.49 4.75
N TRP A 40 -5.71 13.86 3.63
CA TRP A 40 -6.14 12.47 3.41
C TRP A 40 -5.02 11.56 2.93
N VAL A 41 -4.85 10.45 3.65
CA VAL A 41 -3.98 9.36 3.26
C VAL A 41 -4.85 8.18 2.90
N ILE A 42 -4.51 7.49 1.83
CA ILE A 42 -5.22 6.29 1.43
C ILE A 42 -4.32 5.06 1.68
N SER A 43 -4.94 3.98 2.17
CA SER A 43 -4.25 2.75 2.58
C SER A 43 -5.16 1.54 2.35
N ALA A 44 -4.89 0.43 3.04
CA ALA A 44 -5.68 -0.79 2.92
C ALA A 44 -6.47 -1.09 4.21
N THR A 45 -7.73 -1.48 4.05
CA THR A 45 -8.56 -1.80 5.21
C THR A 45 -7.98 -2.93 6.06
N HIS A 46 -7.34 -3.93 5.44
CA HIS A 46 -6.89 -5.08 6.21
C HIS A 46 -5.86 -4.72 7.25
N CYS A 47 -5.18 -3.58 7.04
CA CYS A 47 -4.18 -3.07 7.99
C CYS A 47 -4.78 -2.69 9.35
N PHE A 48 -6.05 -2.30 9.35
CA PHE A 48 -6.72 -1.67 10.51
C PHE A 48 -7.94 -2.41 11.03
N ILE A 49 -8.46 -3.37 10.27
CA ILE A 49 -9.76 -3.99 10.54
C ILE A 49 -9.85 -4.62 11.95
N ASP A 50 -8.76 -5.21 12.42
CA ASP A 50 -8.75 -5.85 13.73
C ASP A 50 -8.61 -4.84 14.90
N TYR A 51 -8.11 -3.64 14.60
CA TYR A 51 -7.90 -2.61 15.62
C TYR A 51 -8.39 -1.27 15.08
N PRO A 52 -9.72 -1.09 14.98
CA PRO A 52 -10.22 0.05 14.22
C PRO A 52 -10.26 1.36 15.01
N LYS A 53 -9.57 1.41 16.13
CA LYS A 53 -9.59 2.58 17.00
C LYS A 53 -8.59 3.63 16.52
N LYS A 54 -9.11 4.76 16.02
CA LYS A 54 -8.27 5.73 15.33
C LYS A 54 -7.18 6.34 16.22
N GLU A 55 -7.43 6.36 17.53
CA GLU A 55 -6.50 6.93 18.51
C GLU A 55 -5.20 6.13 18.59
N ASP A 56 -5.25 4.87 18.18
CA ASP A 56 -4.09 4.00 18.25
C ASP A 56 -3.01 4.34 17.21
N TYR A 57 -3.35 5.13 16.19
CA TYR A 57 -2.45 5.28 15.05
C TYR A 57 -1.70 6.61 14.95
N ILE A 58 -0.50 6.52 14.40
CA ILE A 58 0.35 7.64 14.07
C ILE A 58 0.71 7.57 12.58
N VAL A 59 0.66 8.72 11.91
CA VAL A 59 1.02 8.80 10.49
C VAL A 59 2.15 9.81 10.33
N TYR A 60 3.23 9.36 9.70
CA TYR A 60 4.33 10.25 9.34
C TYR A 60 4.38 10.45 7.85
N LEU A 61 4.66 11.69 7.48
CA LEU A 61 4.99 12.08 6.12
C LEU A 61 6.41 12.64 6.12
N GLY A 62 7.10 12.55 4.99
CA GLY A 62 8.48 13.05 4.91
C GLY A 62 9.51 12.22 5.68
N ARG A 63 9.16 10.97 5.93
CA ARG A 63 9.98 10.02 6.71
C ARG A 63 10.59 8.95 5.78
N SER A 64 11.92 8.86 5.77
CA SER A 64 12.69 7.89 4.98
C SER A 64 13.16 6.67 5.76
N ARG A 65 13.16 6.77 7.08
CA ARG A 65 13.66 5.67 7.92
C ARG A 65 12.63 5.29 8.97
N LEU A 66 12.58 4.00 9.28
CA LEU A 66 11.52 3.42 10.09
C LEU A 66 11.55 3.88 11.55
N ASN A 67 12.73 4.02 12.11
CA ASN A 67 12.88 4.34 13.54
C ASN A 67 13.82 5.50 13.80
N SER A 68 13.73 6.53 12.96
CA SER A 68 14.49 7.75 13.15
C SER A 68 13.77 8.96 12.56
N ASN A 69 14.17 10.13 13.03
CA ASN A 69 13.53 11.40 12.64
C ASN A 69 14.26 12.05 11.48
N THR A 70 13.67 11.97 10.29
CA THR A 70 14.29 12.55 9.10
C THR A 70 13.90 14.01 9.02
N GLN A 71 14.84 14.84 8.59
CA GLN A 71 14.63 16.28 8.58
C GLN A 71 13.46 16.67 7.68
N GLY A 72 12.58 17.52 8.21
CA GLY A 72 11.38 17.96 7.46
C GLY A 72 10.18 17.04 7.57
N GLU A 73 10.29 15.95 8.34
CA GLU A 73 9.14 15.04 8.55
C GLU A 73 8.04 15.71 9.36
N MET A 74 6.82 15.25 9.14
CA MET A 74 5.64 15.74 9.83
C MET A 74 4.91 14.55 10.47
N LYS A 75 4.54 14.69 11.74
CA LYS A 75 3.79 13.68 12.47
C LYS A 75 2.32 14.03 12.60
N PHE A 76 1.45 13.05 12.39
CA PHE A 76 0.01 13.25 12.44
C PHE A 76 -0.74 12.22 13.27
N GLU A 77 -1.85 12.69 13.86
CA GLU A 77 -2.87 11.84 14.46
C GLU A 77 -3.91 11.55 13.39
N VAL A 78 -4.74 10.55 13.64
CA VAL A 78 -5.79 10.20 12.70
C VAL A 78 -7.11 10.74 13.24
N GLU A 79 -7.71 11.64 12.49
CA GLU A 79 -8.96 12.28 12.85
C GLU A 79 -10.18 11.45 12.44
N ASN A 80 -10.02 10.64 11.41
CA ASN A 80 -11.12 9.79 10.97
C ASN A 80 -10.52 8.61 10.26
N LEU A 81 -10.91 7.41 10.67
CA LEU A 81 -10.46 6.19 10.04
C LEU A 81 -11.66 5.56 9.37
N ILE A 82 -11.62 5.51 8.04
CA ILE A 82 -12.74 5.02 7.26
C ILE A 82 -12.30 3.75 6.53
N LEU A 83 -12.92 2.64 6.91
CA LEU A 83 -12.68 1.33 6.30
C LEU A 83 -13.80 1.06 5.33
N HIS A 84 -13.53 0.25 4.32
CA HIS A 84 -14.54 -0.08 3.33
C HIS A 84 -15.51 -1.07 3.95
N LYS A 85 -16.80 -0.75 3.94
CA LYS A 85 -17.80 -1.62 4.62
C LYS A 85 -17.99 -3.00 3.98
N ASP A 86 -17.60 -3.12 2.72
CA ASP A 86 -17.62 -4.39 1.99
C ASP A 86 -16.28 -5.09 1.92
N TYR A 87 -15.34 -4.68 2.79
CA TYR A 87 -14.07 -5.42 2.89
C TYR A 87 -14.34 -6.88 3.28
N SER A 88 -13.66 -7.80 2.60
CA SER A 88 -13.65 -9.19 3.03
C SER A 88 -12.39 -9.93 2.64
N ALA A 89 -12.07 -10.95 3.42
CA ALA A 89 -10.90 -11.80 3.20
C ALA A 89 -11.34 -13.24 2.99
N ASP A 90 -11.00 -13.82 1.84
CA ASP A 90 -11.42 -15.18 1.49
C ASP A 90 -10.28 -16.16 1.60
N THR A 91 -10.22 -17.16 0.72
CA THR A 91 -9.13 -18.14 0.78
C THR A 91 -7.81 -17.41 0.60
N LEU A 92 -7.66 -16.72 -0.53
CA LEU A 92 -6.45 -15.96 -0.83
C LEU A 92 -6.70 -14.45 -0.87
N ALA A 93 -7.79 -14.06 -1.52
CA ALA A 93 -8.02 -12.69 -1.91
C ALA A 93 -8.54 -11.81 -0.79
N HIS A 94 -8.17 -10.54 -0.83
CA HIS A 94 -8.79 -9.50 -0.04
C HIS A 94 -9.56 -8.59 -1.00
N HIS A 95 -10.85 -8.42 -0.73
CA HIS A 95 -11.74 -7.64 -1.56
C HIS A 95 -12.00 -6.28 -0.92
N ASN A 96 -12.17 -5.27 -1.77
CA ASN A 96 -12.43 -3.89 -1.35
C ASN A 96 -11.45 -3.42 -0.31
N ASP A 97 -10.18 -3.69 -0.57
CA ASP A 97 -9.14 -3.50 0.44
C ASP A 97 -8.57 -2.10 0.31
N ILE A 98 -9.31 -1.15 0.87
CA ILE A 98 -8.99 0.24 0.67
C ILE A 98 -9.51 0.98 1.89
N ALA A 99 -8.74 1.97 2.35
CA ALA A 99 -9.10 2.72 3.55
C ALA A 99 -8.62 4.14 3.42
N LEU A 100 -9.27 5.03 4.16
CA LEU A 100 -8.90 6.44 4.16
C LEU A 100 -8.62 6.87 5.59
N LEU A 101 -7.56 7.66 5.77
CA LEU A 101 -7.22 8.20 7.06
C LEU A 101 -7.18 9.72 6.92
N LYS A 102 -8.04 10.41 7.65
CA LYS A 102 -7.97 11.87 7.66
C LYS A 102 -6.94 12.22 8.72
N ILE A 103 -5.92 12.97 8.32
CA ILE A 103 -4.77 13.22 9.20
C ILE A 103 -4.78 14.66 9.69
N ARG A 104 -4.26 14.85 10.89
CA ARG A 104 -4.27 16.14 11.52
C ARG A 104 -3.10 16.15 12.50
N SER A 105 -2.27 17.19 12.43
CA SER A 105 -1.18 17.35 13.37
C SER A 105 -1.73 17.74 14.74
N LYS A 106 -0.88 17.77 15.74
CA LYS A 106 -1.30 18.17 17.08
C LYS A 106 -1.86 19.60 17.11
N GLU A 107 -1.37 20.47 16.22
CA GLU A 107 -1.87 21.85 16.08
C GLU A 107 -3.13 21.94 15.23
N GLY A 108 -3.58 20.82 14.69
CA GLY A 108 -4.82 20.76 13.95
C GLY A 108 -4.66 21.03 12.46
N ARG A 109 -3.44 20.93 11.96
CA ARG A 109 -3.15 21.26 10.55
C ARG A 109 -3.00 20.01 9.69
N CYS A 110 -3.23 20.16 8.39
CA CYS A 110 -3.05 19.07 7.43
C CYS A 110 -1.63 19.16 6.90
N ALA A 111 -1.28 18.32 5.91
CA ALA A 111 0.09 18.30 5.40
C ALA A 111 0.47 19.62 4.75
N GLN A 112 1.69 20.06 5.00
CA GLN A 112 2.29 21.22 4.35
C GLN A 112 3.23 20.72 3.25
N PRO A 113 2.90 21.00 1.98
CA PRO A 113 3.75 20.50 0.89
C PRO A 113 5.18 21.03 0.97
N SER A 114 6.12 20.20 0.57
CA SER A 114 7.52 20.54 0.60
C SER A 114 8.23 19.62 -0.37
N ARG A 115 9.56 19.69 -0.38
CA ARG A 115 10.33 18.79 -1.23
C ARG A 115 10.11 17.31 -0.86
N THR A 116 9.80 17.05 0.41
CA THR A 116 9.66 15.69 0.92
C THR A 116 8.24 15.29 1.26
N ILE A 117 7.28 16.17 1.02
CA ILE A 117 5.86 15.89 1.26
C ILE A 117 5.05 16.47 0.09
N GLN A 118 4.52 15.60 -0.76
CA GLN A 118 3.72 16.00 -1.91
C GLN A 118 2.53 15.07 -2.05
N THR A 119 1.42 15.55 -2.61
CA THR A 119 0.32 14.67 -2.92
C THR A 119 0.61 13.87 -4.20
N ILE A 120 -0.05 12.73 -4.33
CA ILE A 120 -0.04 11.97 -5.58
C ILE A 120 -1.44 12.01 -6.24
N ALA A 121 -1.45 12.19 -7.56
CA ALA A 121 -2.69 12.24 -8.31
C ALA A 121 -3.44 10.90 -8.31
N LEU A 122 -4.77 10.97 -8.29
CA LEU A 122 -5.62 9.81 -8.52
C LEU A 122 -5.88 9.66 -10.01
N PRO A 123 -6.12 8.41 -10.47
CA PRO A 123 -6.49 8.19 -11.87
C PRO A 123 -7.92 8.66 -12.14
N SER A 124 -8.29 8.76 -13.42
CA SER A 124 -9.69 8.95 -13.79
C SER A 124 -10.38 7.59 -13.83
N MET A 125 -11.71 7.61 -13.87
CA MET A 125 -12.52 6.38 -13.76
C MET A 125 -12.16 5.33 -14.82
N TYR A 126 -11.87 4.13 -14.33
CA TYR A 126 -11.54 2.97 -15.18
C TYR A 126 -10.36 3.20 -16.13
N ASN A 127 -9.45 4.08 -15.74
CA ASN A 127 -8.33 4.49 -16.60
C ASN A 127 -6.98 4.00 -16.04
N ASP A 128 -6.54 2.85 -16.53
CA ASP A 128 -5.30 2.21 -16.08
C ASP A 128 -4.32 2.08 -17.22
N PRO A 129 -3.01 2.00 -16.90
CA PRO A 129 -2.08 1.72 -17.97
C PRO A 129 -2.38 0.35 -18.60
N GLN A 130 -1.79 0.10 -19.77
CA GLN A 130 -1.97 -1.17 -20.47
C GLN A 130 -1.13 -2.22 -19.76
N PHE A 131 -1.52 -3.49 -19.86
CA PHE A 131 -0.68 -4.55 -19.30
C PHE A 131 0.69 -4.50 -19.97
N GLY A 132 1.73 -4.84 -19.21
CA GLY A 132 3.11 -4.73 -19.68
C GLY A 132 3.81 -3.45 -19.24
N THR A 133 3.03 -2.43 -18.86
CA THR A 133 3.57 -1.16 -18.36
C THR A 133 4.30 -1.35 -17.05
N SER A 134 5.43 -0.67 -16.91
CA SER A 134 6.19 -0.63 -15.67
C SER A 134 5.61 0.40 -14.70
N CYS A 135 5.50 0.00 -13.44
CA CYS A 135 5.05 0.86 -12.36
C CYS A 135 5.96 0.65 -11.16
N GLU A 136 5.99 1.62 -10.26
CA GLU A 136 6.84 1.49 -9.06
C GLU A 136 6.03 1.19 -7.82
N ILE A 137 6.63 0.42 -6.90
CA ILE A 137 6.05 0.20 -5.58
C ILE A 137 7.07 0.65 -4.51
N THR A 138 6.58 1.11 -3.37
CA THR A 138 7.42 1.70 -2.33
C THR A 138 7.00 1.14 -0.98
N GLY A 139 7.95 0.86 -0.11
CA GLY A 139 7.57 0.41 1.24
C GLY A 139 8.72 0.07 2.15
N PHE A 140 8.39 -0.08 3.43
CA PHE A 140 9.27 -0.60 4.48
C PHE A 140 9.05 -2.09 4.76
N GLY A 141 8.47 -2.84 3.83
CA GLY A 141 8.18 -4.26 4.08
C GLY A 141 9.40 -5.17 4.06
N LYS A 142 9.16 -6.44 4.33
CA LYS A 142 10.23 -7.44 4.38
C LYS A 142 11.07 -7.44 3.13
N GLU A 143 12.38 -7.66 3.31
CA GLU A 143 13.31 -7.83 2.20
C GLU A 143 13.43 -9.29 1.77
N GLN A 144 12.98 -10.20 2.63
CA GLN A 144 12.93 -11.63 2.32
C GLN A 144 11.76 -12.23 3.09
N SER A 145 11.16 -13.26 2.52
CA SER A 145 10.00 -13.93 3.13
C SER A 145 10.31 -14.49 4.52
N THR A 146 11.55 -14.87 4.73
CA THR A 146 11.99 -15.44 6.00
C THR A 146 12.37 -14.38 7.05
N ASP A 147 12.45 -13.11 6.68
CA ASP A 147 12.70 -12.04 7.64
C ASP A 147 11.51 -11.89 8.58
N TYR A 148 11.77 -11.54 9.83
CA TYR A 148 10.70 -11.15 10.77
C TYR A 148 10.80 -9.66 11.12
N LEU A 149 11.88 -9.03 10.70
CA LEU A 149 12.12 -7.60 10.90
C LEU A 149 11.99 -6.87 9.59
N TYR A 150 11.58 -5.61 9.65
CA TYR A 150 11.52 -4.75 8.49
C TYR A 150 12.83 -3.96 8.34
N PRO A 151 13.19 -3.59 7.10
CA PRO A 151 14.36 -2.75 6.89
C PRO A 151 14.16 -1.35 7.46
N GLU A 152 15.24 -0.76 7.97
CA GLU A 152 15.18 0.62 8.47
C GLU A 152 15.02 1.65 7.37
N GLN A 153 15.53 1.36 6.18
CA GLN A 153 15.52 2.31 5.07
C GLN A 153 14.41 1.98 4.09
N LEU A 154 13.72 3.02 3.64
CA LEU A 154 12.67 2.87 2.64
C LEU A 154 13.22 2.23 1.35
N LYS A 155 12.43 1.34 0.75
CA LYS A 155 12.77 0.73 -0.52
C LYS A 155 11.75 1.04 -1.60
N MET A 156 12.20 0.90 -2.85
CA MET A 156 11.33 0.90 -4.01
C MET A 156 11.75 -0.20 -4.96
N THR A 157 10.83 -0.62 -5.81
CA THR A 157 11.16 -1.45 -6.95
C THR A 157 10.18 -1.14 -8.07
N VAL A 158 10.41 -1.77 -9.22
CA VAL A 158 9.62 -1.54 -10.41
C VAL A 158 9.12 -2.89 -10.87
N VAL A 159 7.82 -2.99 -11.09
CA VAL A 159 7.20 -4.23 -11.53
C VAL A 159 6.35 -3.92 -12.75
N LYS A 160 5.93 -4.98 -13.44
CA LYS A 160 5.13 -4.83 -14.64
C LYS A 160 3.70 -5.30 -14.42
N LEU A 161 2.75 -4.55 -14.95
CA LEU A 161 1.35 -4.88 -14.80
C LEU A 161 1.03 -6.13 -15.61
N ILE A 162 0.17 -6.96 -15.05
CA ILE A 162 -0.19 -8.25 -15.62
C ILE A 162 -1.68 -8.24 -15.93
N SER A 163 -2.07 -8.79 -17.07
CA SER A 163 -3.49 -8.75 -17.46
C SER A 163 -4.35 -9.56 -16.49
N HIS A 164 -5.63 -9.23 -16.43
CA HIS A 164 -6.58 -10.01 -15.64
C HIS A 164 -6.64 -11.44 -16.19
N ARG A 165 -6.56 -11.56 -17.51
CA ARG A 165 -6.63 -12.86 -18.17
C ARG A 165 -5.49 -13.78 -17.74
N GLU A 166 -4.29 -13.21 -17.63
CA GLU A 166 -3.13 -13.97 -17.15
C GLU A 166 -3.24 -14.27 -15.67
N CYS A 167 -3.62 -13.27 -14.88
CA CYS A 167 -3.67 -13.42 -13.43
C CYS A 167 -4.73 -14.42 -12.98
N GLN A 168 -5.79 -14.60 -13.78
CA GLN A 168 -6.85 -15.55 -13.42
C GLN A 168 -6.61 -16.98 -13.97
N GLN A 169 -5.44 -17.21 -14.54
CA GLN A 169 -5.05 -18.57 -14.93
C GLN A 169 -4.96 -19.47 -13.68
N PRO A 170 -5.15 -20.79 -13.85
CA PRO A 170 -5.18 -21.71 -12.70
C PRO A 170 -3.89 -21.76 -11.88
N HIS A 171 -2.74 -21.63 -12.52
CA HIS A 171 -1.47 -21.66 -11.78
C HIS A 171 -1.10 -20.31 -11.20
N TYR A 172 -1.82 -19.27 -11.61
CA TYR A 172 -1.74 -17.94 -10.99
C TYR A 172 -2.74 -17.92 -9.83
N TYR A 173 -3.80 -17.11 -9.89
CA TYR A 173 -4.78 -17.05 -8.79
C TYR A 173 -6.19 -17.55 -9.12
N GLY A 174 -6.42 -17.98 -10.35
CA GLY A 174 -7.75 -18.41 -10.74
C GLY A 174 -8.79 -17.33 -10.52
N SER A 175 -9.98 -17.78 -10.14
CA SER A 175 -11.12 -16.89 -9.90
C SER A 175 -11.05 -16.03 -8.61
N GLU A 176 -9.99 -16.19 -7.81
CA GLU A 176 -9.77 -15.32 -6.63
C GLU A 176 -9.53 -13.85 -7.02
N VAL A 177 -8.91 -13.62 -8.17
CA VAL A 177 -8.65 -12.25 -8.65
C VAL A 177 -9.84 -11.71 -9.42
N THR A 178 -10.25 -10.48 -9.08
CA THR A 178 -11.38 -9.81 -9.72
C THR A 178 -10.92 -8.60 -10.54
N THR A 179 -11.88 -7.99 -11.24
CA THR A 179 -11.60 -6.82 -12.06
C THR A 179 -11.37 -5.56 -11.22
N LYS A 180 -11.67 -5.62 -9.93
CA LYS A 180 -11.35 -4.51 -9.01
C LYS A 180 -9.97 -4.66 -8.38
N MET A 181 -9.22 -5.64 -8.88
CA MET A 181 -7.83 -5.83 -8.47
C MET A 181 -6.90 -5.74 -9.67
N LEU A 182 -5.64 -5.42 -9.39
CA LEU A 182 -4.60 -5.30 -10.40
C LEU A 182 -3.44 -6.23 -10.00
N CYS A 183 -2.95 -7.05 -10.93
CA CYS A 183 -1.75 -7.86 -10.71
C CYS A 183 -0.50 -7.22 -11.32
N ALA A 184 0.61 -7.35 -10.60
CA ALA A 184 1.87 -6.85 -11.07
C ALA A 184 2.96 -7.73 -10.52
N ALA A 185 3.95 -7.97 -11.36
CA ALA A 185 5.11 -8.76 -10.99
C ALA A 185 6.34 -8.45 -11.85
N ASP A 186 7.46 -8.99 -11.39
CA ASP A 186 8.72 -9.06 -12.12
C ASP A 186 8.63 -10.26 -13.07
N PRO A 187 8.92 -10.07 -14.37
CA PRO A 187 8.99 -11.18 -15.35
C PRO A 187 9.88 -12.35 -14.91
N GLN A 188 10.93 -12.06 -14.15
CA GLN A 188 11.82 -13.10 -13.63
C GLN A 188 11.61 -13.41 -12.14
N TRP A 189 10.53 -12.88 -11.57
CA TRP A 189 10.13 -13.22 -10.20
C TRP A 189 11.20 -12.95 -9.17
N LYS A 190 11.97 -11.88 -9.34
CA LYS A 190 13.07 -11.56 -8.41
C LYS A 190 12.76 -10.38 -7.49
N THR A 191 11.71 -9.63 -7.79
CA THR A 191 11.34 -8.47 -6.98
C THR A 191 9.82 -8.40 -6.85
N ASP A 192 9.35 -7.93 -5.70
CA ASP A 192 7.91 -7.96 -5.37
C ASP A 192 7.71 -7.15 -4.10
N SER A 193 6.46 -6.81 -3.81
CA SER A 193 6.08 -6.35 -2.50
C SER A 193 5.98 -7.56 -1.56
N CYS A 194 5.99 -7.28 -0.27
CA CYS A 194 5.88 -8.34 0.71
C CYS A 194 5.15 -7.84 1.96
N GLN A 195 5.07 -8.67 2.98
CA GLN A 195 4.45 -8.27 4.24
C GLN A 195 5.12 -7.01 4.76
N GLY A 196 4.32 -6.07 5.24
CA GLY A 196 4.83 -4.78 5.67
C GLY A 196 4.70 -3.70 4.61
N ASP A 197 4.52 -4.11 3.34
CA ASP A 197 4.32 -3.16 2.23
C ASP A 197 2.85 -2.82 2.01
N SER A 198 1.96 -3.58 2.65
CA SER A 198 0.51 -3.41 2.48
C SER A 198 0.12 -1.99 2.74
N GLY A 199 -0.86 -1.50 1.97
CA GLY A 199 -1.34 -0.13 2.10
C GLY A 199 -0.64 0.92 1.25
N GLY A 200 0.61 0.63 0.87
CA GLY A 200 1.42 1.54 0.12
C GLY A 200 1.08 1.58 -1.37
N PRO A 201 1.72 2.50 -2.09
CA PRO A 201 1.35 2.85 -3.45
C PRO A 201 1.97 1.96 -4.51
N LEU A 202 1.17 1.66 -5.52
CA LEU A 202 1.64 1.24 -6.84
C LEU A 202 1.41 2.46 -7.72
N VAL A 203 2.51 3.05 -8.19
CA VAL A 203 2.47 4.32 -8.92
C VAL A 203 2.91 4.10 -10.35
N CYS A 204 2.11 4.60 -11.28
CA CYS A 204 2.43 4.52 -12.70
C CYS A 204 2.46 5.93 -13.31
N SER A 205 3.43 6.15 -14.17
CA SER A 205 3.50 7.35 -14.96
C SER A 205 2.41 7.19 -16.00
N LEU A 206 1.33 7.95 -15.84
CA LEU A 206 0.16 7.79 -16.67
C LEU A 206 -0.13 9.11 -17.34
N GLN A 207 -0.01 9.10 -18.67
CA GLN A 207 -0.49 10.21 -19.49
C GLN A 207 0.13 11.52 -19.04
N GLY A 208 1.44 11.47 -18.82
CA GLY A 208 2.23 12.63 -18.43
C GLY A 208 2.17 13.00 -16.95
N ARG A 209 1.89 12.03 -16.08
CA ARG A 209 1.74 12.33 -14.65
C ARG A 209 1.80 11.09 -13.74
N MET A 210 2.51 11.23 -12.63
CA MET A 210 2.58 10.17 -11.61
C MET A 210 1.22 9.97 -10.96
N THR A 211 0.72 8.74 -11.03
CA THR A 211 -0.67 8.45 -10.69
C THR A 211 -0.73 7.23 -9.76
N LEU A 212 -1.55 7.33 -8.71
CA LEU A 212 -1.81 6.20 -7.82
C LEU A 212 -2.74 5.19 -8.47
N THR A 213 -2.15 4.15 -9.04
CA THR A 213 -2.90 3.17 -9.80
C THR A 213 -3.36 2.03 -8.88
N GLY A 214 -2.56 1.70 -7.88
CA GLY A 214 -2.87 0.57 -7.02
C GLY A 214 -2.45 0.77 -5.58
N ILE A 215 -3.02 -0.06 -4.72
CA ILE A 215 -2.69 -0.13 -3.29
C ILE A 215 -2.26 -1.56 -2.95
N VAL A 216 -1.08 -1.71 -2.34
CA VAL A 216 -0.57 -3.02 -1.99
C VAL A 216 -1.57 -3.77 -1.08
N SER A 217 -2.03 -4.92 -1.55
CA SER A 217 -3.06 -5.67 -0.85
C SER A 217 -2.61 -7.07 -0.42
N TRP A 218 -2.35 -7.95 -1.39
CA TRP A 218 -2.13 -9.35 -1.08
C TRP A 218 -1.33 -10.09 -2.15
N GLY A 219 -0.93 -11.29 -1.78
CA GLY A 219 -0.21 -12.19 -2.67
C GLY A 219 0.10 -13.51 -2.00
N ARG A 220 0.35 -14.54 -2.80
CA ARG A 220 0.74 -15.83 -2.29
C ARG A 220 2.25 -15.78 -2.15
N GLY A 221 2.73 -15.71 -0.92
CA GLY A 221 4.16 -15.54 -0.66
C GLY A 221 4.70 -14.20 -1.13
N CYS A 222 6.02 -14.13 -1.30
CA CYS A 222 6.67 -12.96 -1.87
C CYS A 222 7.68 -13.33 -2.97
N ALA A 223 7.51 -12.76 -4.16
CA ALA A 223 8.37 -13.02 -5.32
C ALA A 223 8.45 -14.51 -5.64
N LEU A 224 7.31 -15.18 -5.57
CA LEU A 224 7.19 -16.58 -5.94
C LEU A 224 6.74 -16.67 -7.39
N LYS A 225 7.29 -17.65 -8.10
CA LYS A 225 6.97 -17.84 -9.50
C LYS A 225 5.47 -18.03 -9.67
N ASP A 226 4.92 -17.31 -10.65
CA ASP A 226 3.51 -17.37 -11.02
C ASP A 226 2.56 -16.84 -9.95
N LYS A 227 3.09 -16.05 -9.02
CA LYS A 227 2.28 -15.52 -7.92
C LYS A 227 2.52 -14.02 -7.81
N PRO A 228 1.86 -13.25 -8.68
CA PRO A 228 2.02 -11.79 -8.65
C PRO A 228 1.57 -11.14 -7.36
N GLY A 229 2.02 -9.90 -7.18
CA GLY A 229 1.44 -9.05 -6.18
C GLY A 229 0.07 -8.65 -6.66
N VAL A 230 -0.87 -8.52 -5.74
CA VAL A 230 -2.21 -8.07 -6.08
C VAL A 230 -2.50 -6.75 -5.36
N TYR A 231 -3.03 -5.81 -6.12
CA TYR A 231 -3.20 -4.42 -5.71
C TYR A 231 -4.65 -4.03 -5.88
N THR A 232 -5.15 -3.25 -4.94
CA THR A 232 -6.48 -2.69 -5.08
C THR A 232 -6.46 -1.71 -6.25
N ARG A 233 -7.38 -1.90 -7.19
CA ARG A 233 -7.42 -1.10 -8.41
C ARG A 233 -8.12 0.24 -8.16
N VAL A 234 -7.33 1.28 -7.89
CA VAL A 234 -7.85 2.55 -7.36
C VAL A 234 -8.88 3.20 -8.30
N SER A 235 -8.69 3.02 -9.61
CA SER A 235 -9.56 3.61 -10.64
C SER A 235 -10.96 3.02 -10.69
N HIS A 236 -11.20 1.96 -9.93
CA HIS A 236 -12.53 1.39 -9.74
C HIS A 236 -13.15 1.76 -8.41
N PHE A 237 -12.52 2.68 -7.67
CA PHE A 237 -13.03 3.08 -6.35
C PHE A 237 -13.22 4.59 -6.20
N LEU A 238 -13.24 5.32 -7.31
CA LEU A 238 -13.29 6.78 -7.25
C LEU A 238 -14.58 7.33 -6.62
N PRO A 239 -15.74 6.71 -6.93
CA PRO A 239 -16.96 7.14 -6.23
C PRO A 239 -16.87 6.98 -4.71
N TRP A 240 -16.33 5.86 -4.25
CA TRP A 240 -16.11 5.63 -2.82
C TRP A 240 -15.15 6.66 -2.22
N ILE A 241 -14.01 6.88 -2.88
CA ILE A 241 -13.02 7.84 -2.39
C ILE A 241 -13.63 9.25 -2.28
N ARG A 242 -14.19 9.76 -3.39
CA ARG A 242 -14.74 11.11 -3.38
C ARG A 242 -15.95 11.25 -2.45
N SER A 243 -16.71 10.17 -2.25
CA SER A 243 -17.84 10.20 -1.31
C SER A 243 -17.39 10.42 0.14
N HIS A 244 -16.25 9.86 0.52
CA HIS A 244 -15.73 10.01 1.87
C HIS A 244 -14.77 11.19 2.02
N THR A 245 -14.22 11.65 0.90
CA THR A 245 -13.27 12.77 0.89
C THR A 245 -14.01 14.07 0.58
N THR B 1 -11.02 -19.29 13.56
CA THR B 1 -10.95 -19.73 12.13
C THR B 1 -9.70 -19.16 11.46
N CYS B 2 -8.75 -20.04 11.18
CA CYS B 2 -7.58 -19.68 10.39
C CYS B 2 -7.98 -19.73 8.92
N ARG B 3 -7.70 -18.63 8.20
CA ARG B 3 -7.85 -18.59 6.75
C ARG B 3 -6.51 -18.20 6.14
N GLN B 4 -6.22 -18.75 4.99
CA GLN B 4 -4.96 -18.46 4.32
C GLN B 4 -4.78 -16.95 4.01
N SER B 5 -5.88 -16.22 3.83
CA SER B 5 -5.82 -14.78 3.58
C SER B 5 -5.14 -13.99 4.70
N MET B 6 -5.13 -14.54 5.91
CA MET B 6 -4.32 -13.97 7.01
C MET B 6 -2.84 -13.91 6.63
N CYS B 7 -2.37 -14.89 5.85
CA CYS B 7 -0.98 -14.99 5.40
C CYS B 7 -0.74 -14.27 4.05
N THR B 8 -1.75 -14.18 3.19
CA THR B 8 -1.56 -13.48 1.92
C THR B 8 -1.54 -11.96 2.07
N ALA B 9 -2.13 -11.46 3.15
CA ALA B 9 -2.17 -10.04 3.40
C ALA B 9 -0.76 -9.49 3.42
N ARG B 10 -0.54 -8.40 2.69
CA ARG B 10 0.78 -7.78 2.62
C ARG B 10 0.81 -6.44 3.32
N THR C 1 -3.19 -23.73 -2.21
CA THR C 1 -2.48 -24.74 -1.43
C THR C 1 -1.77 -24.07 -0.25
N CYS C 2 -1.86 -24.69 0.93
CA CYS C 2 -1.12 -24.22 2.09
C CYS C 2 0.25 -24.91 2.08
N PRO C 3 1.34 -24.14 1.89
CA PRO C 3 2.66 -24.73 1.68
C PRO C 3 3.24 -25.31 2.95
#